data_5N9I
# 
_entry.id   5N9I 
# 
_audit_conform.dict_name       mmcif_pdbx.dic 
_audit_conform.dict_version    5.391 
_audit_conform.dict_location   http://mmcif.pdb.org/dictionaries/ascii/mmcif_pdbx.dic 
# 
loop_
_database_2.database_id 
_database_2.database_code 
_database_2.pdbx_database_accession 
_database_2.pdbx_DOI 
PDB   5N9I         pdb_00005n9i 10.2210/pdb5n9i/pdb 
WWPDB D_1200003197 ?            ?                   
# 
loop_
_pdbx_audit_revision_history.ordinal 
_pdbx_audit_revision_history.data_content_type 
_pdbx_audit_revision_history.major_revision 
_pdbx_audit_revision_history.minor_revision 
_pdbx_audit_revision_history.revision_date 
1 'Structure model' 1 0 2018-02-21 
2 'Structure model' 1 1 2018-03-07 
3 'Structure model' 1 2 2018-03-14 
4 'Structure model' 1 3 2024-05-01 
# 
_pdbx_audit_revision_details.ordinal             1 
_pdbx_audit_revision_details.revision_ordinal    1 
_pdbx_audit_revision_details.data_content_type   'Structure model' 
_pdbx_audit_revision_details.provider            repository 
_pdbx_audit_revision_details.type                'Initial release' 
_pdbx_audit_revision_details.description         ? 
_pdbx_audit_revision_details.details             ? 
# 
loop_
_pdbx_audit_revision_group.ordinal 
_pdbx_audit_revision_group.revision_ordinal 
_pdbx_audit_revision_group.data_content_type 
_pdbx_audit_revision_group.group 
1 2 'Structure model' 'Database references'    
2 3 'Structure model' 'Database references'    
3 4 'Structure model' 'Data collection'        
4 4 'Structure model' 'Database references'    
5 4 'Structure model' 'Refinement description' 
# 
loop_
_pdbx_audit_revision_category.ordinal 
_pdbx_audit_revision_category.revision_ordinal 
_pdbx_audit_revision_category.data_content_type 
_pdbx_audit_revision_category.category 
1 2 'Structure model' citation                      
2 2 'Structure model' citation_author               
3 3 'Structure model' citation                      
4 4 'Structure model' chem_comp_atom                
5 4 'Structure model' chem_comp_bond                
6 4 'Structure model' database_2                    
7 4 'Structure model' diffrn_radiation_wavelength   
8 4 'Structure model' pdbx_initial_refinement_model 
# 
loop_
_pdbx_audit_revision_item.ordinal 
_pdbx_audit_revision_item.revision_ordinal 
_pdbx_audit_revision_item.data_content_type 
_pdbx_audit_revision_item.item 
1 2 'Structure model' '_citation.journal_abbrev'            
2 2 'Structure model' '_citation.pdbx_database_id_PubMed'   
3 2 'Structure model' '_citation.title'                     
4 2 'Structure model' '_citation_author.name'               
5 3 'Structure model' '_citation.journal_volume'            
6 3 'Structure model' '_citation.page_first'                
7 3 'Structure model' '_citation.page_last'                 
8 4 'Structure model' '_database_2.pdbx_DOI'                
9 4 'Structure model' '_database_2.pdbx_database_accession' 
# 
_pdbx_database_status.status_code                     REL 
_pdbx_database_status.status_code_sf                  REL 
_pdbx_database_status.status_code_mr                  ? 
_pdbx_database_status.entry_id                        5N9I 
_pdbx_database_status.recvd_initial_deposition_date   2017-02-24 
_pdbx_database_status.SG_entry                        N 
_pdbx_database_status.deposit_site                    PDBE 
_pdbx_database_status.process_site                    PDBE 
_pdbx_database_status.status_code_cs                  ? 
_pdbx_database_status.methods_development_category    ? 
_pdbx_database_status.pdb_format_compatible           Y 
_pdbx_database_status.status_code_nmr_data            ? 
# 
loop_
_audit_author.name 
_audit_author.pdbx_ordinal 
_audit_author.identifier_ORCID 
'Colletier, J.P.' 1 ? 
'Nasrallah, C.'   2 ? 
# 
_citation.abstract                  ? 
_citation.abstract_id_CAS           ? 
_citation.book_id_ISBN              ? 
_citation.book_publisher            ? 
_citation.book_publisher_city       ? 
_citation.book_title                ? 
_citation.coordinate_linkage        ? 
_citation.country                   US 
_citation.database_id_Medline       ? 
_citation.details                   ? 
_citation.id                        primary 
_citation.journal_abbrev            'Proc. Natl. Acad. Sci. U.S.A.' 
_citation.journal_id_ASTM           PNASA6 
_citation.journal_id_CSD            0040 
_citation.journal_id_ISSN           1091-6490 
_citation.journal_full              ? 
_citation.journal_issue             ? 
_citation.journal_volume            115 
_citation.language                  ? 
_citation.page_first                E2220 
_citation.page_last                 E2228 
_citation.title                     'Porin self-association enables cell-to-cell contact in' 
_citation.year                      2018 
_citation.database_id_CSD           ? 
_citation.pdbx_database_id_DOI      10.1073/pnas.1714582115 
_citation.pdbx_database_id_PubMed   29476011 
_citation.unpublished_flag          ? 
# 
loop_
_citation_author.citation_id 
_citation_author.name 
_citation_author.ordinal 
_citation_author.identifier_ORCID 
primary 'El-Khatib, M.'    1  ? 
primary 'Nasrallah, C.'    2  ? 
primary 'Lopes, J.'        3  ? 
primary 'Tran, Q.T.'       4  ? 
primary 'Tetreau, G.'      5  ? 
primary 'Basbous, H.'      6  ? 
primary 'Fenel, D.'        7  ? 
primary 'Gallet, B.'       8  ? 
primary 'Lethier, M.'      9  ? 
primary 'Bolla, J.M.'      10 ? 
primary 'Pages, J.M.'      11 ? 
primary 'Vivaudou, M.'     12 ? 
primary 'Weik, M.'         13 ? 
primary 'Winterhalter, M.' 14 ? 
primary 'Colletier, J.P.'  15 ? 
# 
loop_
_entity.id 
_entity.type 
_entity.src_method 
_entity.pdbx_description 
_entity.formula_weight 
_entity.pdbx_number_of_molecules 
_entity.pdbx_ec 
_entity.pdbx_mutation 
_entity.pdbx_fragment 
_entity.details 
1 polymer syn 'Porin 1' 590.624 4  ? ? 'DIMERIZATION DOMAIN, UNP residues 228-233' ? 
2 water   nat water     18.015  18 ? ? ?                                           ? 
# 
_entity_poly.entity_id                      1 
_entity_poly.type                           'polypeptide(L)' 
_entity_poly.nstd_linkage                   no 
_entity_poly.nstd_monomer                   no 
_entity_poly.pdbx_seq_one_letter_code       GVVTSE 
_entity_poly.pdbx_seq_one_letter_code_can   GVVTSE 
_entity_poly.pdbx_strand_id                 A,B,C,D 
_entity_poly.pdbx_target_identifier         ? 
# 
_pdbx_entity_nonpoly.entity_id   2 
_pdbx_entity_nonpoly.name        water 
_pdbx_entity_nonpoly.comp_id     HOH 
# 
loop_
_entity_poly_seq.entity_id 
_entity_poly_seq.num 
_entity_poly_seq.mon_id 
_entity_poly_seq.hetero 
1 1 GLY n 
1 2 VAL n 
1 3 VAL n 
1 4 THR n 
1 5 SER n 
1 6 GLU n 
# 
_pdbx_entity_src_syn.entity_id              1 
_pdbx_entity_src_syn.pdbx_src_id            1 
_pdbx_entity_src_syn.pdbx_alt_source_flag   sample 
_pdbx_entity_src_syn.pdbx_beg_seq_num       1 
_pdbx_entity_src_syn.pdbx_end_seq_num       6 
_pdbx_entity_src_syn.organism_scientific    'Providencia stuartii' 
_pdbx_entity_src_syn.organism_common_name   ? 
_pdbx_entity_src_syn.ncbi_taxonomy_id       588 
_pdbx_entity_src_syn.details                ? 
# 
loop_
_chem_comp.id 
_chem_comp.type 
_chem_comp.mon_nstd_flag 
_chem_comp.name 
_chem_comp.pdbx_synonyms 
_chem_comp.formula 
_chem_comp.formula_weight 
GLU 'L-peptide linking' y 'GLUTAMIC ACID' ? 'C5 H9 N O4'  147.129 
GLY 'peptide linking'   y GLYCINE         ? 'C2 H5 N O2'  75.067  
HOH non-polymer         . WATER           ? 'H2 O'        18.015  
SER 'L-peptide linking' y SERINE          ? 'C3 H7 N O3'  105.093 
THR 'L-peptide linking' y THREONINE       ? 'C4 H9 N O3'  119.119 
VAL 'L-peptide linking' y VALINE          ? 'C5 H11 N O2' 117.146 
# 
loop_
_pdbx_poly_seq_scheme.asym_id 
_pdbx_poly_seq_scheme.entity_id 
_pdbx_poly_seq_scheme.seq_id 
_pdbx_poly_seq_scheme.mon_id 
_pdbx_poly_seq_scheme.ndb_seq_num 
_pdbx_poly_seq_scheme.pdb_seq_num 
_pdbx_poly_seq_scheme.auth_seq_num 
_pdbx_poly_seq_scheme.pdb_mon_id 
_pdbx_poly_seq_scheme.auth_mon_id 
_pdbx_poly_seq_scheme.pdb_strand_id 
_pdbx_poly_seq_scheme.pdb_ins_code 
_pdbx_poly_seq_scheme.hetero 
A 1 1 GLY 1 1 1 GLY GLY A . n 
A 1 2 VAL 2 2 2 VAL VAL A . n 
A 1 3 VAL 3 3 3 VAL VAL A . n 
A 1 4 THR 4 4 4 THR THR A . n 
A 1 5 SER 5 5 5 SER SER A . n 
A 1 6 GLU 6 6 6 GLU GLU A . n 
B 1 1 GLY 1 1 1 GLY GLY B . n 
B 1 2 VAL 2 2 2 VAL VAL B . n 
B 1 3 VAL 3 3 3 VAL VAL B . n 
B 1 4 THR 4 4 4 THR THR B . n 
B 1 5 SER 5 5 5 SER SER B . n 
B 1 6 GLU 6 6 6 GLU GLU B . n 
C 1 1 GLY 1 1 1 GLY GLY C . n 
C 1 2 VAL 2 2 2 VAL VAL C . n 
C 1 3 VAL 3 3 3 VAL VAL C . n 
C 1 4 THR 4 4 4 THR THR C . n 
C 1 5 SER 5 5 5 SER SER C . n 
C 1 6 GLU 6 6 6 GLU GLU C . n 
D 1 1 GLY 1 1 1 GLY GLY D . n 
D 1 2 VAL 2 2 2 VAL VAL D . n 
D 1 3 VAL 3 3 3 VAL VAL D . n 
D 1 4 THR 4 4 4 THR THR D . n 
D 1 5 SER 5 5 5 SER SER D . n 
D 1 6 GLU 6 6 6 GLU GLU D . n 
# 
loop_
_pdbx_nonpoly_scheme.asym_id 
_pdbx_nonpoly_scheme.entity_id 
_pdbx_nonpoly_scheme.mon_id 
_pdbx_nonpoly_scheme.ndb_seq_num 
_pdbx_nonpoly_scheme.pdb_seq_num 
_pdbx_nonpoly_scheme.auth_seq_num 
_pdbx_nonpoly_scheme.pdb_mon_id 
_pdbx_nonpoly_scheme.auth_mon_id 
_pdbx_nonpoly_scheme.pdb_strand_id 
_pdbx_nonpoly_scheme.pdb_ins_code 
E 2 HOH 1 101 11 HOH HOH A . 
E 2 HOH 2 102 5  HOH HOH A . 
E 2 HOH 3 103 6  HOH HOH A . 
E 2 HOH 4 104 15 HOH HOH A . 
E 2 HOH 5 105 13 HOH HOH A . 
F 2 HOH 1 101 2  HOH HOH B . 
F 2 HOH 2 102 18 HOH HOH B . 
F 2 HOH 3 103 17 HOH HOH B . 
F 2 HOH 4 104 1  HOH HOH B . 
F 2 HOH 5 105 12 HOH HOH B . 
G 2 HOH 1 101 4  HOH HOH C . 
G 2 HOH 2 102 10 HOH HOH C . 
G 2 HOH 3 103 14 HOH HOH C . 
G 2 HOH 4 104 3  HOH HOH C . 
H 2 HOH 1 101 9  HOH HOH D . 
H 2 HOH 2 102 8  HOH HOH D . 
H 2 HOH 3 103 7  HOH HOH D . 
H 2 HOH 4 104 16 HOH HOH D . 
# 
loop_
_software.citation_id 
_software.classification 
_software.compiler_name 
_software.compiler_version 
_software.contact_author 
_software.contact_author_email 
_software.date 
_software.description 
_software.dependencies 
_software.hardware 
_software.language 
_software.location 
_software.mods 
_software.name 
_software.os 
_software.os_version 
_software.type 
_software.version 
_software.pdbx_ordinal 
? refinement       ? ? ? ? ? ? ? ? ? ? ? REFMAC ? ? ? 5.7.0029 1 
? 'data reduction' ? ? ? ? ? ? ? ? ? ? ? XDS    ? ? ? .        2 
? 'data scaling'   ? ? ? ? ? ? ? ? ? ? ? XSCALE ? ? ? .        3 
? phasing          ? ? ? ? ? ? ? ? ? ? ? PHASER ? ? ? .        4 
# 
_cell.entry_id           5N9I 
_cell.length_a           4.800 
_cell.length_b           16.910 
_cell.length_c           45.450 
_cell.angle_alpha        90.05 
_cell.angle_beta         90.01 
_cell.angle_gamma        90.05 
_cell.Z_PDB              4 
_cell.pdbx_unique_axis   ? 
# 
_symmetry.entry_id                         5N9I 
_symmetry.space_group_name_H-M             'P 1' 
_symmetry.pdbx_full_space_group_name_H-M   ? 
_symmetry.cell_setting                     ? 
_symmetry.Int_Tables_number                1 
# 
_exptl.absorpt_coefficient_mu     ? 
_exptl.absorpt_correction_T_max   ? 
_exptl.absorpt_correction_T_min   ? 
_exptl.absorpt_correction_type    ? 
_exptl.absorpt_process_details    ? 
_exptl.entry_id                   5N9I 
_exptl.crystals_number            1 
_exptl.details                    ? 
_exptl.method                     'X-RAY DIFFRACTION' 
_exptl.method_details             ? 
# 
_exptl_crystal.colour                      ? 
_exptl_crystal.density_diffrn              ? 
_exptl_crystal.density_Matthews            1.62 
_exptl_crystal.density_method              ? 
_exptl_crystal.density_percent_sol         23.9 
_exptl_crystal.description                 Needles 
_exptl_crystal.F_000                       ? 
_exptl_crystal.id                          1 
_exptl_crystal.preparation                 ? 
_exptl_crystal.size_max                    ? 
_exptl_crystal.size_mid                    ? 
_exptl_crystal.size_min                    ? 
_exptl_crystal.size_rad                    ? 
_exptl_crystal.colour_lustre               ? 
_exptl_crystal.colour_modifier             ? 
_exptl_crystal.colour_primary              ? 
_exptl_crystal.density_meas                ? 
_exptl_crystal.density_meas_esd            ? 
_exptl_crystal.density_meas_gt             ? 
_exptl_crystal.density_meas_lt             ? 
_exptl_crystal.density_meas_temp           ? 
_exptl_crystal.density_meas_temp_esd       ? 
_exptl_crystal.density_meas_temp_gt        ? 
_exptl_crystal.density_meas_temp_lt        ? 
_exptl_crystal.pdbx_crystal_image_url      ? 
_exptl_crystal.pdbx_crystal_image_format   ? 
_exptl_crystal.pdbx_mosaicity              ? 
_exptl_crystal.pdbx_mosaicity_esd          ? 
# 
_exptl_crystal_grow.apparatus       ? 
_exptl_crystal_grow.atmosphere      ? 
_exptl_crystal_grow.crystal_id      1 
_exptl_crystal_grow.details         ? 
_exptl_crystal_grow.method          'VAPOR DIFFUSION, HANGING DROP' 
_exptl_crystal_grow.method_ref      ? 
_exptl_crystal_grow.pH              4 
_exptl_crystal_grow.pressure        ? 
_exptl_crystal_grow.pressure_esd    ? 
_exptl_crystal_grow.seeding         ? 
_exptl_crystal_grow.seeding_ref     ? 
_exptl_crystal_grow.temp            293 
_exptl_crystal_grow.temp_details    ? 
_exptl_crystal_grow.temp_esd        ? 
_exptl_crystal_grow.time            ? 
_exptl_crystal_grow.pdbx_details    
;2.5 M AMONIUM SULFATE, 0.1 M
 ACID CITRIC PH4
;
_exptl_crystal_grow.pdbx_pH_range   4 
# 
_diffrn.ambient_environment    ? 
_diffrn.ambient_temp           100 
_diffrn.ambient_temp_details   ? 
_diffrn.ambient_temp_esd       ? 
_diffrn.crystal_id             1 
_diffrn.crystal_support        ? 
_diffrn.crystal_treatment      ? 
_diffrn.details                ? 
_diffrn.id                     1 
_diffrn.ambient_pressure       ? 
_diffrn.ambient_pressure_esd   ? 
_diffrn.ambient_pressure_gt    ? 
_diffrn.ambient_pressure_lt    ? 
_diffrn.ambient_temp_gt        ? 
_diffrn.ambient_temp_lt        ? 
# 
_diffrn_detector.details                      ? 
_diffrn_detector.detector                     CCD 
_diffrn_detector.diffrn_id                    1 
_diffrn_detector.type                         MARRESEARCH 
_diffrn_detector.area_resol_mean              ? 
_diffrn_detector.dtime                        ? 
_diffrn_detector.pdbx_frames_total            ? 
_diffrn_detector.pdbx_collection_time_total   ? 
_diffrn_detector.pdbx_collection_date         2012-11-18 
# 
_diffrn_radiation.collimation                      ? 
_diffrn_radiation.diffrn_id                        1 
_diffrn_radiation.filter_edge                      ? 
_diffrn_radiation.inhomogeneity                    ? 
_diffrn_radiation.monochromator                    ? 
_diffrn_radiation.polarisn_norm                    ? 
_diffrn_radiation.polarisn_ratio                   ? 
_diffrn_radiation.probe                            ? 
_diffrn_radiation.type                             ? 
_diffrn_radiation.xray_symbol                      ? 
_diffrn_radiation.wavelength_id                    1 
_diffrn_radiation.pdbx_monochromatic_or_laue_m_l   M 
_diffrn_radiation.pdbx_wavelength_list             ? 
_diffrn_radiation.pdbx_wavelength                  ? 
_diffrn_radiation.pdbx_diffrn_protocol             'SINGLE WAVELENGTH' 
_diffrn_radiation.pdbx_analyzer                    ? 
_diffrn_radiation.pdbx_scattering_type             x-ray 
# 
_diffrn_radiation_wavelength.id           1 
_diffrn_radiation_wavelength.wavelength   0.873 
_diffrn_radiation_wavelength.wt           1.0 
# 
_diffrn_source.current                     ? 
_diffrn_source.details                     ? 
_diffrn_source.diffrn_id                   1 
_diffrn_source.power                       ? 
_diffrn_source.size                        ? 
_diffrn_source.source                      SYNCHROTRON 
_diffrn_source.target                      ? 
_diffrn_source.type                        'ESRF BEAMLINE ID23-2' 
_diffrn_source.voltage                     ? 
_diffrn_source.take-off_angle              ? 
_diffrn_source.pdbx_wavelength_list        0.873 
_diffrn_source.pdbx_wavelength             ? 
_diffrn_source.pdbx_synchrotron_beamline   ID23-2 
_diffrn_source.pdbx_synchrotron_site       ESRF 
# 
_reflns.B_iso_Wilson_estimate            15.748 
_reflns.entry_id                         5N9I 
_reflns.data_reduction_details           ? 
_reflns.data_reduction_method            ? 
_reflns.d_resolution_high                1.91 
_reflns.d_resolution_low                 50 
_reflns.details                          ? 
_reflns.limit_h_max                      ? 
_reflns.limit_h_min                      ? 
_reflns.limit_k_max                      ? 
_reflns.limit_k_min                      ? 
_reflns.limit_l_max                      ? 
_reflns.limit_l_min                      ? 
_reflns.number_all                       ? 
_reflns.number_obs                       1076 
_reflns.observed_criterion               ? 
_reflns.observed_criterion_F_max         ? 
_reflns.observed_criterion_F_min         ? 
_reflns.observed_criterion_I_max         ? 
_reflns.observed_criterion_I_min         ? 
_reflns.observed_criterion_sigma_F       ? 
_reflns.observed_criterion_sigma_I       3.0 
_reflns.percent_possible_obs             96.66 
_reflns.R_free_details                   ? 
_reflns.Rmerge_F_all                     ? 
_reflns.Rmerge_F_obs                     ? 
_reflns.Friedel_coverage                 ? 
_reflns.number_gt                        ? 
_reflns.threshold_expression             ? 
_reflns.pdbx_redundancy                  2.20 
_reflns.pdbx_Rmerge_I_obs                0.1197 
_reflns.pdbx_Rmerge_I_all                ? 
_reflns.pdbx_Rsym_value                  ? 
_reflns.pdbx_netI_over_av_sigmaI         ? 
_reflns.pdbx_netI_over_sigmaI            4.9 
_reflns.pdbx_res_netI_over_av_sigmaI_2   ? 
_reflns.pdbx_res_netI_over_sigmaI_2      ? 
_reflns.pdbx_chi_squared                 ? 
_reflns.pdbx_scaling_rejects             ? 
_reflns.pdbx_d_res_high_opt              ? 
_reflns.pdbx_d_res_low_opt               ? 
_reflns.pdbx_d_res_opt_method            ? 
_reflns.phase_calculation_details        ? 
_reflns.pdbx_Rrim_I_all                  0.1623 
_reflns.pdbx_Rpim_I_all                  0.1088 
_reflns.pdbx_d_opt                       ? 
_reflns.pdbx_number_measured_all         ? 
_reflns.pdbx_diffrn_id                   1 
_reflns.pdbx_ordinal                     1 
_reflns.pdbx_CC_half                     0.991 
_reflns.pdbx_R_split                     ? 
# 
_reflns_shell.d_res_high                  1.91 
_reflns_shell.d_res_low                   1.979 
_reflns_shell.meanI_over_sigI_all         ? 
_reflns_shell.meanI_over_sigI_obs         3.24 
_reflns_shell.number_measured_all         ? 
_reflns_shell.number_measured_obs         ? 
_reflns_shell.number_possible             ? 
_reflns_shell.number_unique_all           ? 
_reflns_shell.number_unique_obs           122 
_reflns_shell.percent_possible_all        100 
_reflns_shell.percent_possible_obs        ? 
_reflns_shell.Rmerge_F_all                ? 
_reflns_shell.Rmerge_F_obs                ? 
_reflns_shell.Rmerge_I_all                ? 
_reflns_shell.Rmerge_I_obs                0.1879 
_reflns_shell.meanI_over_sigI_gt          ? 
_reflns_shell.meanI_over_uI_all           ? 
_reflns_shell.meanI_over_uI_gt            ? 
_reflns_shell.number_measured_gt          ? 
_reflns_shell.number_unique_gt            ? 
_reflns_shell.percent_possible_gt         ? 
_reflns_shell.Rmerge_F_gt                 ? 
_reflns_shell.Rmerge_I_gt                 ? 
_reflns_shell.pdbx_redundancy             2.2 
_reflns_shell.pdbx_Rsym_value             ? 
_reflns_shell.pdbx_chi_squared            ? 
_reflns_shell.pdbx_netI_over_sigmaI_all   ? 
_reflns_shell.pdbx_netI_over_sigmaI_obs   ? 
_reflns_shell.pdbx_Rrim_I_all             0.2535 
_reflns_shell.pdbx_Rpim_I_all             0.169 
_reflns_shell.pdbx_rejects                ? 
_reflns_shell.pdbx_ordinal                1 
_reflns_shell.pdbx_diffrn_id              1 
_reflns_shell.pdbx_CC_half                0.973 
_reflns_shell.pdbx_R_split                ? 
# 
_refine.pdbx_refine_id                           'X-RAY DIFFRACTION' 
_refine.entry_id                                 5N9I 
_refine.pdbx_diffrn_id                           1 
_refine.pdbx_TLS_residual_ADP_flag               ? 
_refine.ls_number_reflns_obs                     890 
_refine.ls_number_reflns_all                     ? 
_refine.pdbx_ls_sigma_I                          ? 
_refine.pdbx_ls_sigma_F                          ? 
_refine.pdbx_data_cutoff_high_absF               ? 
_refine.pdbx_data_cutoff_low_absF                ? 
_refine.pdbx_data_cutoff_high_rms_absF           ? 
_refine.ls_d_res_low                             45.45 
_refine.ls_d_res_high                            1.91 
_refine.ls_percent_reflns_obs                    92.24 
_refine.ls_R_factor_obs                          0.15705 
_refine.ls_R_factor_all                          ? 
_refine.ls_R_factor_R_work                       0.14735 
_refine.ls_R_factor_R_free                       0.20590 
_refine.ls_R_factor_R_free_error                 ? 
_refine.ls_R_factor_R_free_error_details         ? 
_refine.ls_percent_reflns_R_free                 15.9 
_refine.ls_number_reflns_R_free                  168 
_refine.ls_number_parameters                     ? 
_refine.ls_number_restraints                     ? 
_refine.occupancy_min                            ? 
_refine.occupancy_max                            ? 
_refine.correlation_coeff_Fo_to_Fc               0.975 
_refine.correlation_coeff_Fo_to_Fc_free          0.951 
_refine.B_iso_mean                               12.675 
_refine.aniso_B[1][1]                            -7.24 
_refine.aniso_B[2][2]                            24.21 
_refine.aniso_B[3][3]                            -16.97 
_refine.aniso_B[1][2]                            15.14 
_refine.aniso_B[1][3]                            -15.62 
_refine.aniso_B[2][3]                            -0.38 
_refine.solvent_model_details                    MASK 
_refine.solvent_model_param_ksol                 ? 
_refine.solvent_model_param_bsol                 ? 
_refine.pdbx_solvent_vdw_probe_radii             1.20 
_refine.pdbx_solvent_ion_probe_radii             0.80 
_refine.pdbx_solvent_shrinkage_radii             0.80 
_refine.pdbx_ls_cross_valid_method               THROUGHOUT 
_refine.details                                  'HYDROGENS HAVE BEEN USED IF PRESENT IN THE INPUT' 
_refine.pdbx_starting_model                      'a canonical beta-sheet' 
_refine.pdbx_method_to_determine_struct          'MOLECULAR REPLACEMENT' 
_refine.pdbx_isotropic_thermal_model             ? 
_refine.pdbx_stereochemistry_target_values       'MAXIMUM LIKELIHOOD' 
_refine.pdbx_stereochem_target_val_spec_case     ? 
_refine.pdbx_R_Free_selection_details            RANDOM 
_refine.pdbx_overall_ESU_R                       0.066 
_refine.pdbx_overall_ESU_R_Free                  0.039 
_refine.overall_SU_ML                            0.111 
_refine.pdbx_overall_phase_error                 ? 
_refine.overall_SU_B                             4.112 
_refine.overall_SU_R_Cruickshank_DPI             ? 
_refine.pdbx_overall_SU_R_free_Cruickshank_DPI   ? 
_refine.pdbx_overall_SU_R_Blow_DPI               ? 
_refine.pdbx_overall_SU_R_free_Blow_DPI          ? 
# 
_refine_hist.pdbx_refine_id                   'X-RAY DIFFRACTION' 
_refine_hist.cycle_id                         1 
_refine_hist.pdbx_number_atoms_protein        164 
_refine_hist.pdbx_number_atoms_nucleic_acid   0 
_refine_hist.pdbx_number_atoms_ligand         0 
_refine_hist.number_atoms_solvent             18 
_refine_hist.number_atoms_total               182 
_refine_hist.d_res_high                       1.91 
_refine_hist.d_res_low                        45.45 
# 
loop_
_refine_ls_restr.type 
_refine_ls_restr.dev_ideal 
_refine_ls_restr.dev_ideal_target 
_refine_ls_restr.weight 
_refine_ls_restr.number 
_refine_ls_restr.pdbx_refine_id 
_refine_ls_restr.pdbx_restraint_function 
r_bond_refined_d             0.018  0.020  ? 160 'X-RAY DIFFRACTION' ? 
r_bond_other_d               ?      ?      ? ?   'X-RAY DIFFRACTION' ? 
r_angle_refined_deg          2.229  2.026  ? 216 'X-RAY DIFFRACTION' ? 
r_angle_other_deg            ?      ?      ? ?   'X-RAY DIFFRACTION' ? 
r_dihedral_angle_1_deg       8.322  5.000  ? 20  'X-RAY DIFFRACTION' ? 
r_dihedral_angle_2_deg       56.565 30.000 ? 4   'X-RAY DIFFRACTION' ? 
r_dihedral_angle_3_deg       17.174 15.000 ? 24  'X-RAY DIFFRACTION' ? 
r_dihedral_angle_4_deg       ?      ?      ? ?   'X-RAY DIFFRACTION' ? 
r_chiral_restr               0.138  0.200  ? 32  'X-RAY DIFFRACTION' ? 
r_gen_planes_refined         0.007  0.020  ? 112 'X-RAY DIFFRACTION' ? 
r_gen_planes_other           ?      ?      ? ?   'X-RAY DIFFRACTION' ? 
r_nbd_refined                ?      ?      ? ?   'X-RAY DIFFRACTION' ? 
r_nbd_other                  ?      ?      ? ?   'X-RAY DIFFRACTION' ? 
r_nbtor_refined              ?      ?      ? ?   'X-RAY DIFFRACTION' ? 
r_nbtor_other                ?      ?      ? ?   'X-RAY DIFFRACTION' ? 
r_xyhbond_nbd_refined        ?      ?      ? ?   'X-RAY DIFFRACTION' ? 
r_xyhbond_nbd_other          ?      ?      ? ?   'X-RAY DIFFRACTION' ? 
r_metal_ion_refined          ?      ?      ? ?   'X-RAY DIFFRACTION' ? 
r_metal_ion_other            ?      ?      ? ?   'X-RAY DIFFRACTION' ? 
r_symmetry_vdw_refined       ?      ?      ? ?   'X-RAY DIFFRACTION' ? 
r_symmetry_vdw_other         ?      ?      ? ?   'X-RAY DIFFRACTION' ? 
r_symmetry_hbond_refined     ?      ?      ? ?   'X-RAY DIFFRACTION' ? 
r_symmetry_hbond_other       ?      ?      ? ?   'X-RAY DIFFRACTION' ? 
r_symmetry_metal_ion_refined ?      ?      ? ?   'X-RAY DIFFRACTION' ? 
r_symmetry_metal_ion_other   ?      ?      ? ?   'X-RAY DIFFRACTION' ? 
r_mcbond_it                  ?      ?      ? ?   'X-RAY DIFFRACTION' ? 
r_mcbond_other               ?      ?      ? ?   'X-RAY DIFFRACTION' ? 
r_mcangle_it                 ?      ?      ? ?   'X-RAY DIFFRACTION' ? 
r_mcangle_other              ?      ?      ? ?   'X-RAY DIFFRACTION' ? 
r_scbond_it                  ?      ?      ? ?   'X-RAY DIFFRACTION' ? 
r_scbond_other               ?      ?      ? ?   'X-RAY DIFFRACTION' ? 
r_scangle_it                 ?      ?      ? ?   'X-RAY DIFFRACTION' ? 
r_scangle_other              ?      ?      ? ?   'X-RAY DIFFRACTION' ? 
r_long_range_B_refined       ?      ?      ? ?   'X-RAY DIFFRACTION' ? 
r_long_range_B_other         ?      ?      ? ?   'X-RAY DIFFRACTION' ? 
r_rigid_bond_restr           ?      ?      ? ?   'X-RAY DIFFRACTION' ? 
r_sphericity_free            ?      ?      ? ?   'X-RAY DIFFRACTION' ? 
r_sphericity_bonded          ?      ?      ? ?   'X-RAY DIFFRACTION' ? 
# 
_refine_ls_shell.pdbx_refine_id                   'X-RAY DIFFRACTION' 
_refine_ls_shell.pdbx_total_number_of_bins_used   20 
_refine_ls_shell.d_res_high                       1.906 
_refine_ls_shell.d_res_low                        1.956 
_refine_ls_shell.number_reflns_R_work             88 
_refine_ls_shell.R_factor_R_work                  0.208 
_refine_ls_shell.percent_reflns_obs               96.08 
_refine_ls_shell.R_factor_R_free                  0.532 
_refine_ls_shell.R_factor_R_free_error            ? 
_refine_ls_shell.percent_reflns_R_free            ? 
_refine_ls_shell.number_reflns_R_free             10 
_refine_ls_shell.number_reflns_all                ? 
_refine_ls_shell.R_factor_all                     ? 
_refine_ls_shell.R_factor_obs                     ? 
_refine_ls_shell.number_reflns_obs                ? 
# 
_struct.entry_id                     5N9I 
_struct.title                        
'STRUCTURE OF 206-GVVTSE-211, THE STERIC ZIPPER THAT SUPPORTS THE SELF-ASSOCIATION OF P. STUARTII OMP-PST1 INTO DIMERS OF TRIMERS' 
_struct.pdbx_model_details           ? 
_struct.pdbx_formula_weight          ? 
_struct.pdbx_formula_weight_method   ? 
_struct.pdbx_model_type_details      ? 
_struct.pdbx_CASP_flag               N 
# 
_struct_keywords.entry_id        5N9I 
_struct_keywords.text            'STERIC-ZIPPER, PORIN, MICRO-CRYSTAL, SELF-ASSOCIATION, cell adhesion' 
_struct_keywords.pdbx_keywords   'CELL ADHESION' 
# 
loop_
_struct_asym.id 
_struct_asym.pdbx_blank_PDB_chainid_flag 
_struct_asym.pdbx_modified 
_struct_asym.entity_id 
_struct_asym.details 
A N N 1 ? 
B N N 1 ? 
C N N 1 ? 
D N N 1 ? 
E N N 2 ? 
F N N 2 ? 
G N N 2 ? 
H N N 2 ? 
# 
_struct_ref.id                         1 
_struct_ref.db_name                    UNP 
_struct_ref.db_code                    E3U904_PROST 
_struct_ref.pdbx_db_accession          E3U904 
_struct_ref.pdbx_db_isoform            ? 
_struct_ref.entity_id                  1 
_struct_ref.pdbx_seq_one_letter_code   GVVTSE 
_struct_ref.pdbx_align_begin           228 
# 
loop_
_struct_ref_seq.align_id 
_struct_ref_seq.ref_id 
_struct_ref_seq.pdbx_PDB_id_code 
_struct_ref_seq.pdbx_strand_id 
_struct_ref_seq.seq_align_beg 
_struct_ref_seq.pdbx_seq_align_beg_ins_code 
_struct_ref_seq.seq_align_end 
_struct_ref_seq.pdbx_seq_align_end_ins_code 
_struct_ref_seq.pdbx_db_accession 
_struct_ref_seq.db_align_beg 
_struct_ref_seq.pdbx_db_align_beg_ins_code 
_struct_ref_seq.db_align_end 
_struct_ref_seq.pdbx_db_align_end_ins_code 
_struct_ref_seq.pdbx_auth_seq_align_beg 
_struct_ref_seq.pdbx_auth_seq_align_end 
1 1 5N9I A 1 ? 6 ? E3U904 228 ? 233 ? 1 6 
2 1 5N9I B 1 ? 6 ? E3U904 228 ? 233 ? 1 6 
3 1 5N9I C 1 ? 6 ? E3U904 228 ? 233 ? 1 6 
4 1 5N9I D 1 ? 6 ? E3U904 228 ? 233 ? 1 6 
# 
_pdbx_struct_assembly.id                   1 
_pdbx_struct_assembly.details              software_defined_assembly 
_pdbx_struct_assembly.method_details       PISA 
_pdbx_struct_assembly.oligomeric_details   tetrameric 
_pdbx_struct_assembly.oligomeric_count     4 
# 
loop_
_pdbx_struct_assembly_prop.biol_id 
_pdbx_struct_assembly_prop.type 
_pdbx_struct_assembly_prop.value 
_pdbx_struct_assembly_prop.details 
1 'ABSA (A^2)' 500  ? 
1 MORE         -2   ? 
1 'SSA (A^2)'  2930 ? 
# 
_pdbx_struct_assembly_gen.assembly_id       1 
_pdbx_struct_assembly_gen.oper_expression   1 
_pdbx_struct_assembly_gen.asym_id_list      A,B,C,D,E,F,G,H 
# 
_pdbx_struct_assembly_auth_evidence.id                     1 
_pdbx_struct_assembly_auth_evidence.assembly_id            1 
_pdbx_struct_assembly_auth_evidence.experimental_support   none 
_pdbx_struct_assembly_auth_evidence.details                ? 
# 
_pdbx_struct_oper_list.id                   1 
_pdbx_struct_oper_list.type                 'identity operation' 
_pdbx_struct_oper_list.name                 1_555 
_pdbx_struct_oper_list.symmetry_operation   x,y,z 
_pdbx_struct_oper_list.matrix[1][1]         1.0000000000 
_pdbx_struct_oper_list.matrix[1][2]         0.0000000000 
_pdbx_struct_oper_list.matrix[1][3]         0.0000000000 
_pdbx_struct_oper_list.vector[1]            0.0000000000 
_pdbx_struct_oper_list.matrix[2][1]         0.0000000000 
_pdbx_struct_oper_list.matrix[2][2]         1.0000000000 
_pdbx_struct_oper_list.matrix[2][3]         0.0000000000 
_pdbx_struct_oper_list.vector[2]            0.0000000000 
_pdbx_struct_oper_list.matrix[3][1]         0.0000000000 
_pdbx_struct_oper_list.matrix[3][2]         0.0000000000 
_pdbx_struct_oper_list.matrix[3][3]         1.0000000000 
_pdbx_struct_oper_list.vector[3]            0.0000000000 
# 
_pdbx_validate_close_contact.id               1 
_pdbx_validate_close_contact.PDB_model_num    1 
_pdbx_validate_close_contact.auth_atom_id_1   OE2 
_pdbx_validate_close_contact.auth_asym_id_1   A 
_pdbx_validate_close_contact.auth_comp_id_1   GLU 
_pdbx_validate_close_contact.auth_seq_id_1    6 
_pdbx_validate_close_contact.PDB_ins_code_1   ? 
_pdbx_validate_close_contact.label_alt_id_1   ? 
_pdbx_validate_close_contact.auth_atom_id_2   OXT 
_pdbx_validate_close_contact.auth_asym_id_2   C 
_pdbx_validate_close_contact.auth_comp_id_2   GLU 
_pdbx_validate_close_contact.auth_seq_id_2    6 
_pdbx_validate_close_contact.PDB_ins_code_2   ? 
_pdbx_validate_close_contact.label_alt_id_2   ? 
_pdbx_validate_close_contact.dist             2.12 
# 
loop_
_chem_comp_atom.comp_id 
_chem_comp_atom.atom_id 
_chem_comp_atom.type_symbol 
_chem_comp_atom.pdbx_aromatic_flag 
_chem_comp_atom.pdbx_stereo_config 
_chem_comp_atom.pdbx_ordinal 
GLU N    N N N 1  
GLU CA   C N S 2  
GLU C    C N N 3  
GLU O    O N N 4  
GLU CB   C N N 5  
GLU CG   C N N 6  
GLU CD   C N N 7  
GLU OE1  O N N 8  
GLU OE2  O N N 9  
GLU OXT  O N N 10 
GLU H    H N N 11 
GLU H2   H N N 12 
GLU HA   H N N 13 
GLU HB2  H N N 14 
GLU HB3  H N N 15 
GLU HG2  H N N 16 
GLU HG3  H N N 17 
GLU HE2  H N N 18 
GLU HXT  H N N 19 
GLY N    N N N 20 
GLY CA   C N N 21 
GLY C    C N N 22 
GLY O    O N N 23 
GLY OXT  O N N 24 
GLY H    H N N 25 
GLY H2   H N N 26 
GLY HA2  H N N 27 
GLY HA3  H N N 28 
GLY HXT  H N N 29 
HOH O    O N N 30 
HOH H1   H N N 31 
HOH H2   H N N 32 
SER N    N N N 33 
SER CA   C N S 34 
SER C    C N N 35 
SER O    O N N 36 
SER CB   C N N 37 
SER OG   O N N 38 
SER OXT  O N N 39 
SER H    H N N 40 
SER H2   H N N 41 
SER HA   H N N 42 
SER HB2  H N N 43 
SER HB3  H N N 44 
SER HG   H N N 45 
SER HXT  H N N 46 
THR N    N N N 47 
THR CA   C N S 48 
THR C    C N N 49 
THR O    O N N 50 
THR CB   C N R 51 
THR OG1  O N N 52 
THR CG2  C N N 53 
THR OXT  O N N 54 
THR H    H N N 55 
THR H2   H N N 56 
THR HA   H N N 57 
THR HB   H N N 58 
THR HG1  H N N 59 
THR HG21 H N N 60 
THR HG22 H N N 61 
THR HG23 H N N 62 
THR HXT  H N N 63 
VAL N    N N N 64 
VAL CA   C N S 65 
VAL C    C N N 66 
VAL O    O N N 67 
VAL CB   C N N 68 
VAL CG1  C N N 69 
VAL CG2  C N N 70 
VAL OXT  O N N 71 
VAL H    H N N 72 
VAL H2   H N N 73 
VAL HA   H N N 74 
VAL HB   H N N 75 
VAL HG11 H N N 76 
VAL HG12 H N N 77 
VAL HG13 H N N 78 
VAL HG21 H N N 79 
VAL HG22 H N N 80 
VAL HG23 H N N 81 
VAL HXT  H N N 82 
# 
loop_
_chem_comp_bond.comp_id 
_chem_comp_bond.atom_id_1 
_chem_comp_bond.atom_id_2 
_chem_comp_bond.value_order 
_chem_comp_bond.pdbx_aromatic_flag 
_chem_comp_bond.pdbx_stereo_config 
_chem_comp_bond.pdbx_ordinal 
GLU N   CA   sing N N 1  
GLU N   H    sing N N 2  
GLU N   H2   sing N N 3  
GLU CA  C    sing N N 4  
GLU CA  CB   sing N N 5  
GLU CA  HA   sing N N 6  
GLU C   O    doub N N 7  
GLU C   OXT  sing N N 8  
GLU CB  CG   sing N N 9  
GLU CB  HB2  sing N N 10 
GLU CB  HB3  sing N N 11 
GLU CG  CD   sing N N 12 
GLU CG  HG2  sing N N 13 
GLU CG  HG3  sing N N 14 
GLU CD  OE1  doub N N 15 
GLU CD  OE2  sing N N 16 
GLU OE2 HE2  sing N N 17 
GLU OXT HXT  sing N N 18 
GLY N   CA   sing N N 19 
GLY N   H    sing N N 20 
GLY N   H2   sing N N 21 
GLY CA  C    sing N N 22 
GLY CA  HA2  sing N N 23 
GLY CA  HA3  sing N N 24 
GLY C   O    doub N N 25 
GLY C   OXT  sing N N 26 
GLY OXT HXT  sing N N 27 
HOH O   H1   sing N N 28 
HOH O   H2   sing N N 29 
SER N   CA   sing N N 30 
SER N   H    sing N N 31 
SER N   H2   sing N N 32 
SER CA  C    sing N N 33 
SER CA  CB   sing N N 34 
SER CA  HA   sing N N 35 
SER C   O    doub N N 36 
SER C   OXT  sing N N 37 
SER CB  OG   sing N N 38 
SER CB  HB2  sing N N 39 
SER CB  HB3  sing N N 40 
SER OG  HG   sing N N 41 
SER OXT HXT  sing N N 42 
THR N   CA   sing N N 43 
THR N   H    sing N N 44 
THR N   H2   sing N N 45 
THR CA  C    sing N N 46 
THR CA  CB   sing N N 47 
THR CA  HA   sing N N 48 
THR C   O    doub N N 49 
THR C   OXT  sing N N 50 
THR CB  OG1  sing N N 51 
THR CB  CG2  sing N N 52 
THR CB  HB   sing N N 53 
THR OG1 HG1  sing N N 54 
THR CG2 HG21 sing N N 55 
THR CG2 HG22 sing N N 56 
THR CG2 HG23 sing N N 57 
THR OXT HXT  sing N N 58 
VAL N   CA   sing N N 59 
VAL N   H    sing N N 60 
VAL N   H2   sing N N 61 
VAL CA  C    sing N N 62 
VAL CA  CB   sing N N 63 
VAL CA  HA   sing N N 64 
VAL C   O    doub N N 65 
VAL C   OXT  sing N N 66 
VAL CB  CG1  sing N N 67 
VAL CB  CG2  sing N N 68 
VAL CB  HB   sing N N 69 
VAL CG1 HG11 sing N N 70 
VAL CG1 HG12 sing N N 71 
VAL CG1 HG13 sing N N 72 
VAL CG2 HG21 sing N N 73 
VAL CG2 HG22 sing N N 74 
VAL CG2 HG23 sing N N 75 
VAL OXT HXT  sing N N 76 
# 
_pdbx_audit_support.funding_organization   'French National Research Agency' 
_pdbx_audit_support.country                France 
_pdbx_audit_support.grant_number           ANR-15-CE18-0005-02 
_pdbx_audit_support.ordinal                1 
# 
_pdbx_initial_refinement_model.accession_code   ? 
_pdbx_initial_refinement_model.id               1 
_pdbx_initial_refinement_model.entity_id_list   ? 
_pdbx_initial_refinement_model.type             other 
_pdbx_initial_refinement_model.source_name      ? 
_pdbx_initial_refinement_model.details          'a canonical beta-sheet' 
# 
loop_
_pdbx_reflns_twin.domain_id 
_pdbx_reflns_twin.crystal_id 
_pdbx_reflns_twin.diffrn_id 
_pdbx_reflns_twin.type 
_pdbx_reflns_twin.operator 
_pdbx_reflns_twin.fraction 
1 1 1 ? 'H, K, L'   0.298 
2 1 1 ? -h,-k,l     0.198 
3 1 1 ? h,-k,-l     0.288 
4 1 1 ? '-H, K, -L' 0.216 
# 
_atom_sites.entry_id                    5N9I 
_atom_sites.fract_transf_matrix[1][1]   -0.09740598 
_atom_sites.fract_transf_matrix[1][2]   0.00939234 
_atom_sites.fract_transf_matrix[1][3]   0.18391991 
_atom_sites.fract_transf_matrix[2][1]   -0.01175143 
_atom_sites.fract_transf_matrix[2][2]   -0.05786871 
_atom_sites.fract_transf_matrix[2][3]   -0.00320994 
_atom_sites.fract_transf_matrix[3][1]   0.01894848 
_atom_sites.fract_transf_matrix[3][2]   -0.00443478 
_atom_sites.fract_transf_matrix[3][3]   0.01026527 
_atom_sites.fract_transf_vector[1]      -0.282585 
_atom_sites.fract_transf_vector[2]      -0.028319 
_atom_sites.fract_transf_vector[3]      -0.064506 
# 
loop_
_atom_type.symbol 
C 
N 
O 
# 
loop_
_atom_site.group_PDB 
_atom_site.id 
_atom_site.type_symbol 
_atom_site.label_atom_id 
_atom_site.label_alt_id 
_atom_site.label_comp_id 
_atom_site.label_asym_id 
_atom_site.label_entity_id 
_atom_site.label_seq_id 
_atom_site.pdbx_PDB_ins_code 
_atom_site.Cartn_x 
_atom_site.Cartn_y 
_atom_site.Cartn_z 
_atom_site.occupancy 
_atom_site.B_iso_or_equiv 
_atom_site.pdbx_formal_charge 
_atom_site.auth_seq_id 
_atom_site.auth_comp_id 
_atom_site.auth_asym_id 
_atom_site.auth_atom_id 
_atom_site.pdbx_PDB_model_num 
ATOM   1   N N   . GLY A 1 1 ? 17.981  0.890   7.718   1.00 14.19 ? 1   GLY A N   1 
ATOM   2   C CA  . GLY A 1 1 ? 16.760  0.132   8.120   1.00 13.92 ? 1   GLY A CA  1 
ATOM   3   C C   . GLY A 1 1 ? 15.872  -0.046  6.915   1.00 13.70 ? 1   GLY A C   1 
ATOM   4   O O   . GLY A 1 1 ? 16.383  -0.380  5.818   1.00 14.49 ? 1   GLY A O   1 
ATOM   5   N N   . VAL A 1 2 ? 14.565  0.188   7.075   1.00 11.99 ? 2   VAL A N   1 
ATOM   6   C CA  . VAL A 1 2 ? 13.692  0.129   5.896   1.00 11.57 ? 2   VAL A CA  1 
ATOM   7   C C   . VAL A 1 2 ? 12.558  1.142   5.952   1.00 11.29 ? 2   VAL A C   1 
ATOM   8   O O   . VAL A 1 2 ? 12.113  1.536   7.025   1.00 9.89  ? 2   VAL A O   1 
ATOM   9   C CB  . VAL A 1 2 ? 13.121  -1.306  5.689   1.00 11.33 ? 2   VAL A CB  1 
ATOM   10  C CG1 . VAL A 1 2 ? 12.154  -1.380  4.526   1.00 11.11 ? 2   VAL A CG1 1 
ATOM   11  C CG2 . VAL A 1 2 ? 14.201  -2.377  5.575   1.00 10.75 ? 2   VAL A CG2 1 
ATOM   12  N N   . VAL A 1 3 ? 12.101  1.581   4.766   1.00 11.47 ? 3   VAL A N   1 
ATOM   13  C CA  . VAL A 1 3 ? 10.903  2.384   4.626   1.00 11.46 ? 3   VAL A CA  1 
ATOM   14  C C   . VAL A 1 3 ? 10.150  1.787   3.445   1.00 12.23 ? 3   VAL A C   1 
ATOM   15  O O   . VAL A 1 3 ? 10.730  1.541   2.350   1.00 12.72 ? 3   VAL A O   1 
ATOM   16  C CB  . VAL A 1 3 ? 11.145  3.928   4.366   1.00 11.53 ? 3   VAL A CB  1 
ATOM   17  C CG1 . VAL A 1 3 ? 9.814   4.698   4.198   1.00 10.37 ? 3   VAL A CG1 1 
ATOM   18  C CG2 . VAL A 1 3 ? 11.963  4.552   5.497   1.00 10.88 ? 3   VAL A CG2 1 
ATOM   19  N N   . THR A 1 4 ? 8.877   1.509   3.649   1.00 11.93 ? 4   THR A N   1 
ATOM   20  C CA  . THR A 1 4 ? 8.071   1.249   2.473   1.00 12.34 ? 4   THR A CA  1 
ATOM   21  C C   . THR A 1 4 ? 7.040   2.297   2.410   1.00 12.46 ? 4   THR A C   1 
ATOM   22  O O   . THR A 1 4 ? 6.626   2.832   3.434   1.00 11.73 ? 4   THR A O   1 
ATOM   23  C CB  . THR A 1 4 ? 7.485   -0.174  2.467   1.00 12.02 ? 4   THR A CB  1 
ATOM   24  O OG1 . THR A 1 4 ? 6.699   -0.381  3.630   1.00 14.53 ? 4   THR A OG1 1 
ATOM   25  C CG2 . THR A 1 4 ? 8.613   -1.215  2.418   1.00 11.31 ? 4   THR A CG2 1 
ATOM   26  N N   . SER A 1 5 ? 6.658   2.647   1.186   1.00 13.23 ? 5   SER A N   1 
ATOM   27  C CA  . SER A 1 5 ? 5.644   3.642   0.997   1.00 14.09 ? 5   SER A CA  1 
ATOM   28  C C   . SER A 1 5 ? 4.693   3.117   -0.039  1.00 15.07 ? 5   SER A C   1 
ATOM   29  O O   . SER A 1 5 ? 5.125   2.580   -1.064  1.00 17.29 ? 5   SER A O   1 
ATOM   30  C CB  . SER A 1 5 ? 6.252   5.009   0.658   1.00 13.75 ? 5   SER A CB  1 
ATOM   31  O OG  . SER A 1 5 ? 5.237   5.908   0.276   1.00 12.69 ? 5   SER A OG  1 
ATOM   32  N N   . GLU A 1 6 ? 3.408   3.136   0.318   1.00 15.96 ? 6   GLU A N   1 
ATOM   33  C CA  . GLU A 1 6 ? 2.277   2.807   -0.547  1.00 16.94 ? 6   GLU A CA  1 
ATOM   34  C C   . GLU A 1 6 ? 1.189   3.901   -0.321  1.00 17.00 ? 6   GLU A C   1 
ATOM   35  O O   . GLU A 1 6 ? 1.039   4.370   0.800   1.00 18.23 ? 6   GLU A O   1 
ATOM   36  C CB  . GLU A 1 6 ? 1.739   1.385   -0.240  1.00 16.58 ? 6   GLU A CB  1 
ATOM   37  C CG  . GLU A 1 6 ? 2.794   0.289   -0.071  1.00 16.65 ? 6   GLU A CG  1 
ATOM   38  C CD  . GLU A 1 6 ? 2.267   -0.895  0.735   1.00 17.32 ? 6   GLU A CD  1 
ATOM   39  O OE1 . GLU A 1 6 ? 2.806   -1.265  1.823   1.00 16.73 ? 6   GLU A OE1 1 
ATOM   40  O OE2 . GLU A 1 6 ? 1.280   -1.473  0.268   1.00 18.45 ? 6   GLU A OE2 1 
ATOM   41  O OXT . GLU A 1 6 ? 0.412   4.362   -1.178  1.00 17.27 ? 6   GLU A OXT 1 
ATOM   42  N N   . GLY B 1 1 ? -1.795  4.868   -1.844  1.00 9.18  ? 1   GLY B N   1 
ATOM   43  C CA  . GLY B 1 1 ? -2.455  5.019   -3.174  1.00 9.15  ? 1   GLY B CA  1 
ATOM   44  C C   . GLY B 1 1 ? -3.853  5.587   -3.137  1.00 9.46  ? 1   GLY B C   1 
ATOM   45  O O   . GLY B 1 1 ? -4.546  5.521   -2.118  1.00 9.59  ? 1   GLY B O   1 
ATOM   46  N N   . VAL B 1 2 ? -4.303  6.121   -4.268  1.00 9.32  ? 2   VAL B N   1 
ATOM   47  C CA  . VAL B 1 2 ? -5.472  6.952   -4.271  1.00 9.71  ? 2   VAL B CA  1 
ATOM   48  C C   . VAL B 1 2 ? -6.285  6.550   -5.459  1.00 9.34  ? 2   VAL B C   1 
ATOM   49  O O   . VAL B 1 2 ? -5.726  6.223   -6.515  1.00 9.86  ? 2   VAL B O   1 
ATOM   50  C CB  . VAL B 1 2 ? -5.149  8.460   -4.447  1.00 9.91  ? 2   VAL B CB  1 
ATOM   51  C CG1 . VAL B 1 2 ? -6.326  9.172   -5.113  1.00 10.47 ? 2   VAL B CG1 1 
ATOM   52  C CG2 . VAL B 1 2 ? -4.786  9.130   -3.129  1.00 10.41 ? 2   VAL B CG2 1 
ATOM   53  N N   . VAL B 1 3 ? -7.594  6.511   -5.268  1.00 9.40  ? 3   VAL B N   1 
ATOM   54  C CA  . VAL B 1 3 ? -8.548  6.125   -6.354  1.00 9.42  ? 3   VAL B CA  1 
ATOM   55  C C   . VAL B 1 3 ? -9.809  6.938   -6.192  1.00 9.70  ? 3   VAL B C   1 
ATOM   56  O O   . VAL B 1 3 ? -10.338 7.126   -5.054  1.00 9.83  ? 3   VAL B O   1 
ATOM   57  C CB  . VAL B 1 3 ? -8.989  4.603   -6.344  1.00 9.26  ? 3   VAL B CB  1 
ATOM   58  C CG1 . VAL B 1 3 ? -10.006 4.305   -7.456  1.00 8.78  ? 3   VAL B CG1 1 
ATOM   59  C CG2 . VAL B 1 3 ? -7.816  3.625   -6.370  1.00 8.95  ? 3   VAL B CG2 1 
ATOM   60  N N   . THR B 1 4 ? -10.339 7.367   -7.328  1.00 9.44  ? 4   THR B N   1 
ATOM   61  C CA  . THR B 1 4 ? -11.481 8.250   -7.355  1.00 10.13 ? 4   THR B CA  1 
ATOM   62  C C   . THR B 1 4 ? -12.335 7.755   -8.473  1.00 10.20 ? 4   THR B C   1 
ATOM   63  O O   . THR B 1 4 ? -11.833 7.443   -9.563  1.00 10.23 ? 4   THR B O   1 
ATOM   64  C CB  . THR B 1 4 ? -11.166 9.756   -7.620  1.00 9.45  ? 4   THR B CB  1 
ATOM   65  O OG1 . THR B 1 4 ? -10.756 9.956   -8.979  1.00 11.92 ? 4   THR B OG1 1 
ATOM   66  C CG2 . THR B 1 4 ? -10.153 10.437  -6.582  1.00 9.71  ? 4   THR B CG2 1 
ATOM   67  N N   . SER B 1 5 ? -13.612 7.638   -8.157  1.00 10.88 ? 5   SER B N   1 
ATOM   68  C CA  . SER B 1 5 ? -14.627 7.114   -9.065  1.00 11.58 ? 5   SER B CA  1 
ATOM   69  C C   . SER B 1 5 ? -15.753 8.096   -9.134  1.00 11.09 ? 5   SER B C   1 
ATOM   70  O O   . SER B 1 5 ? -16.464 8.254   -8.175  1.00 12.04 ? 5   SER B O   1 
ATOM   71  C CB  . SER B 1 5 ? -15.102 5.719   -8.612  1.00 11.97 ? 5   SER B CB  1 
ATOM   72  O OG  . SER B 1 5 ? -16.183 5.240   -9.388  1.00 13.47 ? 5   SER B OG  1 
ATOM   73  N N   . GLU B 1 6 ? -15.880 8.740   -10.296 1.00 11.52 ? 6   GLU B N   1 
ATOM   74  C CA  . GLU B 1 6 ? -16.880 9.740   -10.660 1.00 11.63 ? 6   GLU B CA  1 
ATOM   75  C C   . GLU B 1 6 ? -17.838 9.127   -11.687 1.00 12.53 ? 6   GLU B C   1 
ATOM   76  O O   . GLU B 1 6 ? -19.008 9.527   -11.813 1.00 12.49 ? 6   GLU B O   1 
ATOM   77  C CB  . GLU B 1 6 ? -16.181 10.935  -11.300 1.00 11.18 ? 6   GLU B CB  1 
ATOM   78  C CG  . GLU B 1 6 ? -16.165 12.221  -10.493 1.00 11.29 ? 6   GLU B CG  1 
ATOM   79  C CD  . GLU B 1 6 ? -14.870 12.980  -10.658 1.00 11.45 ? 6   GLU B CD  1 
ATOM   80  O OE1 . GLU B 1 6 ? -13.804 12.367  -10.862 1.00 11.86 ? 6   GLU B OE1 1 
ATOM   81  O OE2 . GLU B 1 6 ? -14.894 14.217  -10.609 1.00 11.26 ? 6   GLU B OE2 1 
ATOM   82  O OXT . GLU B 1 6 ? -17.441 8.190   -12.431 1.00 13.85 ? 6   GLU B OXT 1 
ATOM   83  N N   . GLY C 1 1 ? -17.550 -0.251  -9.150  1.00 13.07 ? 1   GLY C N   1 
ATOM   84  C CA  . GLY C 1 1 ? -16.847 -0.770  -7.930  1.00 13.03 ? 1   GLY C CA  1 
ATOM   85  C C   . GLY C 1 1 ? -15.373 -0.342  -7.762  1.00 13.28 ? 1   GLY C C   1 
ATOM   86  O O   . GLY C 1 1 ? -14.638 -0.184  -8.733  1.00 12.38 ? 1   GLY C O   1 
ATOM   87  N N   . VAL C 1 2 ? -14.942 -0.159  -6.511  1.00 13.83 ? 2   VAL C N   1 
ATOM   88  C CA  . VAL C 1 2 ? -13.548 0.100   -6.204  1.00 13.82 ? 2   VAL C CA  1 
ATOM   89  C C   . VAL C 1 2 ? -13.108 -0.851  -5.079  1.00 14.81 ? 2   VAL C C   1 
ATOM   90  O O   . VAL C 1 2 ? -13.771 -0.924  -4.048  1.00 15.31 ? 2   VAL C O   1 
ATOM   91  C CB  . VAL C 1 2 ? -13.262 1.576   -5.761  1.00 13.86 ? 2   VAL C CB  1 
ATOM   92  C CG1 . VAL C 1 2 ? -11.770 1.826   -5.655  1.00 13.38 ? 2   VAL C CG1 1 
ATOM   93  C CG2 . VAL C 1 2 ? -13.877 2.632   -6.669  1.00 13.27 ? 2   VAL C CG2 1 
ATOM   94  N N   . VAL C 1 3 ? -12.028 -1.602  -5.309  1.00 15.33 ? 3   VAL C N   1 
ATOM   95  C CA  . VAL C 1 3 ? -11.318 -2.407  -4.289  1.00 15.42 ? 3   VAL C CA  1 
ATOM   96  C C   . VAL C 1 3 ? -9.822  -1.993  -4.302  1.00 16.13 ? 3   VAL C C   1 
ATOM   97  O O   . VAL C 1 3 ? -9.162  -2.110  -5.358  1.00 17.42 ? 3   VAL C O   1 
ATOM   98  C CB  . VAL C 1 3 ? -11.409 -3.944  -4.558  1.00 15.61 ? 3   VAL C CB  1 
ATOM   99  C CG1 . VAL C 1 3 ? -10.542 -4.744  -3.583  1.00 14.77 ? 3   VAL C CG1 1 
ATOM   100 C CG2 . VAL C 1 3 ? -12.847 -4.435  -4.527  1.00 14.34 ? 3   VAL C CG2 1 
ATOM   101 N N   . THR C 1 4 ? -9.272  -1.533  -3.167  1.00 14.72 ? 4   THR C N   1 
ATOM   102 C CA  . THR C 1 4 ? -7.830  -1.308  -3.093  1.00 14.46 ? 4   THR C CA  1 
ATOM   103 C C   . THR C 1 4 ? -7.127  -2.161  -2.065  1.00 14.81 ? 4   THR C C   1 
ATOM   104 O O   . THR C 1 4 ? -7.648  -2.332  -0.972  1.00 16.02 ? 4   THR C O   1 
ATOM   105 C CB  . THR C 1 4 ? -7.436  0.162   -2.786  1.00 14.74 ? 4   THR C CB  1 
ATOM   106 O OG1 . THR C 1 4 ? -7.536  0.415   -1.385  1.00 15.40 ? 4   THR C OG1 1 
ATOM   107 C CG2 . THR C 1 4 ? -8.255  1.187   -3.582  1.00 13.84 ? 4   THR C CG2 1 
ATOM   108 N N   . SER C 1 5 ? -5.925  -2.639  -2.412  1.00 14.82 ? 5   SER C N   1 
ATOM   109 C CA  . SER C 1 5 ? -5.125  -3.586  -1.609  1.00 14.58 ? 5   SER C CA  1 
ATOM   110 C C   . SER C 1 5 ? -3.676  -3.042  -1.560  1.00 14.24 ? 5   SER C C   1 
ATOM   111 O O   . SER C 1 5 ? -3.152  -2.542  -2.560  1.00 14.09 ? 5   SER C O   1 
ATOM   112 C CB  . SER C 1 5 ? -5.240  -5.011  -2.211  1.00 14.93 ? 5   SER C CB  1 
ATOM   113 O OG  . SER C 1 5 ? -4.806  -6.056  -1.340  1.00 14.64 ? 5   SER C OG  1 
ATOM   114 N N   . GLU C 1 6 ? -3.057  -3.096  -0.377  1.00 14.67 ? 6   GLU C N   1 
ATOM   115 C CA  . GLU C 1 6 ? -1.767  -2.429  -0.083  1.00 14.98 ? 6   GLU C CA  1 
ATOM   116 C C   . GLU C 1 6 ? -0.888  -3.389  0.738   1.00 15.29 ? 6   GLU C C   1 
ATOM   117 O O   . GLU C 1 6 ? -1.468  -4.285  1.361   1.00 16.44 ? 6   GLU C O   1 
ATOM   118 C CB  . GLU C 1 6 ? -1.980  -1.078  0.692   1.00 14.19 ? 6   GLU C CB  1 
ATOM   119 C CG  . GLU C 1 6 ? -2.568  0.040   -0.172  1.00 13.57 ? 6   GLU C CG  1 
ATOM   120 C CD  . GLU C 1 6 ? -2.432  1.454   0.397   1.00 13.65 ? 6   GLU C CD  1 
ATOM   121 O OE1 . GLU C 1 6 ? -3.459  2.028   0.810   1.00 13.66 ? 6   GLU C OE1 1 
ATOM   122 O OE2 . GLU C 1 6 ? -1.317  2.020   0.409   1.00 13.92 ? 6   GLU C OE2 1 
ATOM   123 O OXT . GLU C 1 6 ? 0.364   -3.308  0.815   1.00 14.13 ? 6   GLU C OXT 1 
ATOM   124 N N   . GLY D 1 1 ? 1.922   -3.678  3.402   1.00 11.46 ? 1   GLY D N   1 
ATOM   125 C CA  . GLY D 1 1 ? 2.725   -4.814  2.888   1.00 11.91 ? 1   GLY D CA  1 
ATOM   126 C C   . GLY D 1 1 ? 3.509   -5.431  4.041   1.00 11.95 ? 1   GLY D C   1 
ATOM   127 O O   . GLY D 1 1 ? 3.152   -5.254  5.210   1.00 12.22 ? 1   GLY D O   1 
ATOM   128 N N   . VAL D 1 2 ? 4.556   -6.170  3.712   1.00 11.90 ? 2   VAL D N   1 
ATOM   129 C CA  . VAL D 1 2 ? 5.352   -6.827  4.730   1.00 11.62 ? 2   VAL D CA  1 
ATOM   130 C C   . VAL D 1 2 ? 6.817   -6.404  4.735   1.00 12.00 ? 2   VAL D C   1 
ATOM   131 O O   . VAL D 1 2 ? 7.456   -6.364  3.689   1.00 12.08 ? 2   VAL D O   1 
ATOM   132 C CB  . VAL D 1 2 ? 5.259   -8.353  4.580   1.00 11.41 ? 2   VAL D CB  1 
ATOM   133 C CG1 . VAL D 1 2 ? 6.089   -9.029  5.648   1.00 11.53 ? 2   VAL D CG1 1 
ATOM   134 C CG2 . VAL D 1 2 ? 3.814   -8.817  4.627   1.00 11.52 ? 2   VAL D CG2 1 
ATOM   135 N N   . VAL D 1 3 ? 7.346   -6.063  5.923   1.00 11.24 ? 3   VAL D N   1 
ATOM   136 C CA  . VAL D 1 3 ? 8.785   -5.831  6.122   1.00 11.01 ? 3   VAL D CA  1 
ATOM   137 C C   . VAL D 1 3 ? 9.228   -6.863  7.185   1.00 11.07 ? 3   VAL D C   1 
ATOM   138 O O   . VAL D 1 3 ? 8.635   -6.922  8.281   1.00 10.73 ? 3   VAL D O   1 
ATOM   139 C CB  . VAL D 1 3 ? 9.200   -4.372  6.588   1.00 10.14 ? 3   VAL D CB  1 
ATOM   140 C CG1 . VAL D 1 3 ? 10.728  -4.254  6.686   1.00 9.57  ? 3   VAL D CG1 1 
ATOM   141 C CG2 . VAL D 1 3 ? 8.630   -3.280  5.706   1.00 9.07  ? 3   VAL D CG2 1 
ATOM   142 N N   . THR D 1 4 ? 10.216  -7.697  6.853   1.00 11.19 ? 4   THR D N   1 
ATOM   143 C CA  . THR D 1 4 ? 10.878  -8.430  7.932   1.00 11.65 ? 4   THR D CA  1 
ATOM   144 C C   . THR D 1 4 ? 12.294  -8.065  8.073   1.00 11.43 ? 4   THR D C   1 
ATOM   145 O O   . THR D 1 4 ? 12.983  -7.767  7.109   1.00 11.23 ? 4   THR D O   1 
ATOM   146 C CB  . THR D 1 4 ? 10.752  -9.972  7.937   1.00 12.10 ? 4   THR D CB  1 
ATOM   147 O OG1 . THR D 1 4 ? 11.381  -10.546 6.782   1.00 13.30 ? 4   THR D OG1 1 
ATOM   148 C CG2 . THR D 1 4 ? 9.316   -10.423 8.048   1.00 11.79 ? 4   THR D CG2 1 
ATOM   149 N N   . SER D 1 5 ? 12.728  -8.046  9.329   1.00 11.85 ? 5   SER D N   1 
ATOM   150 C CA  . SER D 1 5 ? 14.059  -7.533  9.636   1.00 12.83 ? 5   SER D CA  1 
ATOM   151 C C   . SER D 1 5 ? 14.752  -8.335  10.693  1.00 12.82 ? 5   SER D C   1 
ATOM   152 O O   . SER D 1 5 ? 14.236  -8.444  11.794  1.00 14.67 ? 5   SER D O   1 
ATOM   153 C CB  . SER D 1 5 ? 14.052  -6.042  10.016  1.00 11.83 ? 5   SER D CB  1 
ATOM   154 O OG  . SER D 1 5 ? 15.287  -5.747  10.663  1.00 11.93 ? 5   SER D OG  1 
ATOM   155 N N   . GLU D 1 6 ? 15.915  -8.883  10.326  1.00 13.79 ? 6   GLU D N   1 
ATOM   156 C CA  . GLU D 1 6 ? 16.750  -9.709  11.211  1.00 13.74 ? 6   GLU D CA  1 
ATOM   157 C C   . GLU D 1 6 ? 18.229  -9.345  11.305  1.00 13.76 ? 6   GLU D C   1 
ATOM   158 O O   . GLU D 1 6 ? 18.922  -9.706  12.272  1.00 13.77 ? 6   GLU D O   1 
ATOM   159 C CB  . GLU D 1 6 ? 16.696  -11.140 10.766  1.00 13.44 ? 6   GLU D CB  1 
ATOM   160 C CG  . GLU D 1 6 ? 15.332  -11.746 10.863  1.00 13.46 ? 6   GLU D CG  1 
ATOM   161 C CD  . GLU D 1 6 ? 15.307  -13.016 10.062  1.00 13.18 ? 6   GLU D CD  1 
ATOM   162 O OE1 . GLU D 1 6 ? 14.475  -13.154 9.129   1.00 13.93 ? 6   GLU D OE1 1 
ATOM   163 O OE2 . GLU D 1 6 ? 16.178  -13.829 10.346  1.00 12.61 ? 6   GLU D OE2 1 
ATOM   164 O OXT . GLU D 1 6 ? 18.801  -8.688  10.451  1.00 14.56 ? 6   GLU D OXT 1 
HETATM 165 O O   . HOH E 2 . ? 3.022   6.017   1.455   1.00 17.81 ? 101 HOH A O   1 
HETATM 166 O O   . HOH E 2 . ? 4.474   0.743   2.922   1.00 9.75  ? 102 HOH A O   1 
HETATM 167 O O   . HOH E 2 . ? 5.607   -3.132  3.043   1.00 11.11 ? 103 HOH A O   1 
HETATM 168 O O   . HOH E 2 . ? 0.413   7.513   -2.271  1.00 12.85 ? 104 HOH A O   1 
HETATM 169 O O   . HOH E 2 . ? 6.418   8.677   -1.588  1.00 13.58 ? 105 HOH A O   1 
HETATM 170 O O   . HOH F 2 . ? -12.524 10.285  -10.581 1.00 8.81  ? 101 HOH B O   1 
HETATM 171 O O   . HOH F 2 . ? -18.274 6.074   -8.219  1.00 17.92 ? 102 HOH B O   1 
HETATM 172 O O   . HOH F 2 . ? -21.264 8.571   -10.592 1.00 18.54 ? 103 HOH B O   1 
HETATM 173 O O   . HOH F 2 . ? -10.204 12.649  -9.602  1.00 19.08 ? 104 HOH B O   1 
HETATM 174 O O   . HOH F 2 . ? -13.021 12.956  -7.769  1.00 8.49  ? 105 HOH B O   1 
HETATM 175 O O   . HOH G 2 . ? -7.174  2.785   -0.845  1.00 13.80 ? 101 HOH C O   1 
HETATM 176 O O   . HOH G 2 . ? -17.334 1.839   -10.718 1.00 12.82 ? 102 HOH C O   1 
HETATM 177 O O   . HOH G 2 . ? -0.577  -5.781  3.763   1.00 9.23  ? 103 HOH C O   1 
HETATM 178 O O   . HOH G 2 . ? -6.430  2.451   1.861   1.00 6.94  ? 104 HOH C O   1 
HETATM 179 O O   . HOH H 2 . ? 12.223  -12.970 8.975   1.00 13.30 ? 101 HOH D O   1 
HETATM 180 O O   . HOH H 2 . ? 11.449  -12.845 6.920   1.00 9.73  ? 102 HOH D O   1 
HETATM 181 O O   . HOH H 2 . ? 12.278  -10.679 11.258  1.00 5.87  ? 103 HOH D O   1 
HETATM 182 O O   . HOH H 2 . ? 17.989  -4.593  9.337   1.00 13.78 ? 104 HOH D O   1 
# 
